data_8TWI
#
_entry.id   8TWI
#
_cell.length_a   1.00
_cell.length_b   1.00
_cell.length_c   1.00
_cell.angle_alpha   90.00
_cell.angle_beta   90.00
_cell.angle_gamma   90.00
#
_symmetry.space_group_name_H-M   'P 1'
#
loop_
_entity.id
_entity.type
_entity.pdbx_description
1 polymer 'Serine/threonine-protein phosphatase 2A 65 kDa regulatory subunit A alpha isoform'
2 polymer 'Serine/threonine-protein phosphatase 2A catalytic subunit alpha isoform'
3 polymer 'PPP2R1A-PPP2R2A-interacting phosphatase regulator 1'
4 non-polymer 'FE (III) ION'
5 non-polymer 'ZINC ION'
#
loop_
_entity_poly.entity_id
_entity_poly.type
_entity_poly.pdbx_seq_one_letter_code
_entity_poly.pdbx_strand_id
1 'polypeptide(L)'
;GHMSLYPIAVLIDELRNEDVQLRLNSIKKLSTIALALGVERTRSELLPFLTDTIYDEDEVLLALAEQLGTFTTLVGGPEY
VHCLLPPLESLATVEETVVRDKAVESLRAISHEHSPSDLEAHFVPLVKRLAGGDWFTSRTSACGLFSVCYPRVSSAVKAE
LRQYFRNLCSDDTPMVRRAAASKLGEFAKVLELDNVKSEIIPMFSNLASDEQDSVRLLAVEACVNIAQLLPQEDLEALVM
PTLRQAAEDKSWRVRYMVADKFTELQKAVGPEITKTDLVPAFQNLMKDCEAEVRAAASHKVKEFCENLSADCRENVIMSQ
ILPCIKELVSDANQHVKSALASVIMGLSPILGKDNTIEHLLPLFLAQLKDECPEVRLNIISNLDCVNEVIGIRQLSQSLL
PAIVELAEDAKWRVRLAIIEYMPLLAGQLGVEFFDEKLNSLCMAWLVDHVYAIREAATSNLKKLVEKFGKEWAHATIIPK
VLAMSGDPNYLHRMTTLFCINVLSEVCGQDITTKHMLPTVLRMAGDPVANVRFNVAKSLQKIGPILDNSTLQSEVKPILE
KLTQDQDVDVKYFAQEALTVLSLA
;
A
2 'polypeptide(L)'
;GHMDEKVFTKELDQWIEQLNECKQLSESQVKSLCEKAKEILTKESNVQEVRCPVTVCGDVHGQFHDLMELFRIGGKSPDT
NYLFMGDYVDRGYYSVETVTLLVALKVRYRERITILRGNHESRQITQVYGFYDECLRKYGNANVWKYFTDLFDYLPLTAL
VDGQIFCLHGGLSPSIDTLDHIRALDRLQEVPHEGPMCDLLWSDPDDRGGWGISPRGAGYTFGQDISETFNHANGLTLVS
RAHQLVMEGYNWCHDRNVVTIFSAPNYCYRCGNQAAIMELDDTLKYSFLQFDPAPRRGEPHVTRRTPDYF(MLL)
;
C
3 'polypeptide(L)'
;GHMGGGLRRSNSAPLIHGLSDSSPVFQDEAPSARRNRTTFPSRHGLLLPASPVRMHSSRLHQIKQEEGMDLINRETVHER
EVQTAMQISHSWEES
;
D
#
loop_
_chem_comp.id
_chem_comp.type
_chem_comp.name
_chem_comp.formula
FE non-polymer 'FE (III) ION' 'Fe 3'
ZN non-polymer 'ZINC ION' 'Zn 2'
#
# COMPACT_ATOMS: atom_id res chain seq x y z
N GLY A 391 -31.43 13.93 32.62
CA GLY A 391 -30.13 13.29 32.99
C GLY A 391 -29.67 12.27 31.96
N ILE A 392 -28.45 12.46 31.45
CA ILE A 392 -27.92 11.54 30.45
C ILE A 392 -27.71 10.15 31.01
N ARG A 393 -27.55 10.01 32.33
CA ARG A 393 -27.40 8.68 32.92
C ARG A 393 -28.59 7.79 32.59
N GLN A 394 -29.79 8.37 32.50
CA GLN A 394 -30.96 7.58 32.14
C GLN A 394 -30.88 7.11 30.70
N LEU A 395 -30.30 7.91 29.81
CA LEU A 395 -30.15 7.53 28.40
C LEU A 395 -29.03 6.52 28.19
N SER A 396 -28.12 6.36 29.16
CA SER A 396 -26.93 5.55 28.93
C SER A 396 -27.29 4.12 28.54
N GLN A 397 -28.29 3.53 29.19
CA GLN A 397 -28.65 2.16 28.89
C GLN A 397 -29.16 2.01 27.45
N SER A 398 -29.82 3.04 26.93
CA SER A 398 -30.29 3.01 25.56
C SER A 398 -29.22 3.47 24.57
N LEU A 399 -28.28 4.30 25.00
CA LEU A 399 -27.22 4.76 24.11
C LEU A 399 -26.26 3.64 23.76
N LEU A 400 -25.85 2.84 24.75
CA LEU A 400 -24.78 1.88 24.53
C LEU A 400 -25.07 0.91 23.39
N PRO A 401 -26.25 0.29 23.29
CA PRO A 401 -26.49 -0.61 22.14
C PRO A 401 -26.30 0.08 20.80
N ALA A 402 -26.71 1.35 20.69
CA ALA A 402 -26.51 2.08 19.44
C ALA A 402 -25.04 2.34 19.18
N ILE A 403 -24.29 2.73 20.22
CA ILE A 403 -22.86 3.00 20.05
C ILE A 403 -22.12 1.73 19.63
N VAL A 404 -22.46 0.61 20.24
CA VAL A 404 -21.77 -0.64 19.92
C VAL A 404 -21.99 -1.01 18.45
N GLU A 405 -23.24 -0.91 17.99
CA GLU A 405 -23.53 -1.25 16.60
C GLU A 405 -22.79 -0.33 15.63
N LEU A 406 -22.78 0.97 15.92
CA LEU A 406 -22.04 1.90 15.05
C LEU A 406 -20.56 1.61 15.06
N ALA A 407 -20.00 1.32 16.24
CA ALA A 407 -18.57 1.05 16.33
C ALA A 407 -18.17 -0.19 15.53
N GLU A 408 -19.11 -1.11 15.32
CA GLU A 408 -18.84 -2.35 14.61
C GLU A 408 -19.51 -2.40 13.24
N ASP A 409 -19.86 -1.25 12.67
CA ASP A 409 -20.55 -1.21 11.39
C ASP A 409 -19.65 -1.76 10.28
N ALA A 410 -20.27 -2.36 9.27
CA ALA A 410 -19.52 -2.95 8.17
C ALA A 410 -18.78 -1.88 7.37
N LYS A 411 -19.43 -0.76 7.09
CA LYS A 411 -18.80 0.33 6.35
C LYS A 411 -17.82 1.06 7.27
N TRP A 412 -16.54 1.07 6.90
CA TRP A 412 -15.54 1.67 7.77
C TRP A 412 -15.77 3.16 7.96
N ARG A 413 -16.34 3.84 6.96
CA ARG A 413 -16.61 5.26 7.11
C ARG A 413 -17.68 5.52 8.16
N VAL A 414 -18.59 4.57 8.37
CA VAL A 414 -19.53 4.70 9.48
C VAL A 414 -18.80 4.56 10.81
N ARG A 415 -17.90 3.58 10.91
CA ARG A 415 -17.08 3.45 12.12
C ARG A 415 -16.25 4.70 12.36
N LEU A 416 -15.79 5.34 11.29
CA LEU A 416 -15.03 6.57 11.43
C LEU A 416 -15.86 7.66 12.08
N ALA A 417 -17.13 7.78 11.70
CA ALA A 417 -17.98 8.84 12.21
C ALA A 417 -18.15 8.73 13.72
N ILE A 418 -18.43 7.53 14.22
CA ILE A 418 -18.64 7.36 15.65
C ILE A 418 -17.36 7.65 16.42
N ILE A 419 -16.21 7.30 15.85
CA ILE A 419 -14.93 7.57 16.51
C ILE A 419 -14.77 9.06 16.77
N GLU A 420 -15.17 9.88 15.80
CA GLU A 420 -15.01 11.33 15.93
C GLU A 420 -15.83 11.91 17.08
N TYR A 421 -16.90 11.22 17.50
CA TYR A 421 -17.71 11.67 18.62
C TYR A 421 -17.37 10.99 19.94
N MET A 422 -16.47 10.01 19.93
CA MET A 422 -16.17 9.28 21.17
C MET A 422 -15.72 10.19 22.29
N PRO A 423 -14.77 11.11 22.10
CA PRO A 423 -14.40 11.99 23.21
C PRO A 423 -15.56 12.85 23.70
N LEU A 424 -16.48 13.21 22.80
CA LEU A 424 -17.67 13.95 23.21
C LEU A 424 -18.59 13.07 24.06
N LEU A 425 -18.86 11.85 23.59
CA LEU A 425 -19.68 10.92 24.36
C LEU A 425 -18.99 10.56 25.68
N ALA A 426 -17.68 10.30 25.64
CA ALA A 426 -16.98 9.90 26.86
C ALA A 426 -17.05 11.00 27.91
N GLY A 427 -16.88 12.25 27.51
CA GLY A 427 -16.97 13.34 28.48
C GLY A 427 -18.33 13.44 29.13
N GLN A 428 -19.39 13.27 28.34
CA GLN A 428 -20.74 13.35 28.89
C GLN A 428 -21.05 12.16 29.79
N LEU A 429 -20.66 10.95 29.36
CA LEU A 429 -20.99 9.76 30.12
C LEU A 429 -20.11 9.56 31.35
N GLY A 430 -18.93 10.19 31.39
CA GLY A 430 -18.06 10.10 32.54
C GLY A 430 -17.03 9.00 32.44
N VAL A 431 -16.05 9.07 33.33
CA VAL A 431 -14.95 8.10 33.32
C VAL A 431 -15.45 6.71 33.68
N GLU A 432 -16.26 6.60 34.72
CA GLU A 432 -16.65 5.28 35.22
C GLU A 432 -17.41 4.50 34.17
N PHE A 433 -18.35 5.15 33.47
CA PHE A 433 -19.08 4.47 32.40
C PHE A 433 -18.14 4.09 31.26
N PHE A 434 -17.20 4.98 30.91
CA PHE A 434 -16.29 4.70 29.81
C PHE A 434 -15.45 3.46 30.09
N ASP A 435 -14.92 3.34 31.31
CA ASP A 435 -14.06 2.20 31.63
C ASP A 435 -14.81 0.88 31.52
N GLU A 436 -16.05 0.84 32.02
CA GLU A 436 -16.79 -0.42 32.04
C GLU A 436 -17.29 -0.80 30.65
N LYS A 437 -17.78 0.18 29.87
CA LYS A 437 -18.52 -0.10 28.65
C LYS A 437 -17.79 0.29 27.38
N LEU A 438 -17.10 1.44 27.36
CA LEU A 438 -16.58 2.00 26.12
C LEU A 438 -15.09 1.76 25.91
N ASN A 439 -14.32 1.46 26.96
CA ASN A 439 -12.89 1.29 26.79
C ASN A 439 -12.58 0.15 25.84
N SER A 440 -13.33 -0.95 25.93
CA SER A 440 -13.08 -2.08 25.05
C SER A 440 -13.28 -1.70 23.59
N LEU A 441 -14.29 -0.89 23.30
CA LEU A 441 -14.53 -0.46 21.93
C LEU A 441 -13.34 0.32 21.38
N CYS A 442 -12.79 1.23 22.19
CA CYS A 442 -11.67 2.05 21.73
C CYS A 442 -10.45 1.19 21.40
N MET A 443 -10.15 0.21 22.25
CA MET A 443 -9.00 -0.65 21.99
C MET A 443 -9.23 -1.50 20.75
N ALA A 444 -10.46 -1.94 20.51
CA ALA A 444 -10.75 -2.75 19.33
C ALA A 444 -10.49 -1.98 18.05
N TRP A 445 -10.65 -0.66 18.07
CA TRP A 445 -10.41 0.14 16.88
C TRP A 445 -8.93 0.16 16.52
N LEU A 446 -8.05 0.21 17.52
CA LEU A 446 -6.62 0.28 17.26
C LEU A 446 -6.13 -0.89 16.41
N VAL A 447 -6.80 -2.03 16.51
CA VAL A 447 -6.42 -3.22 15.73
C VAL A 447 -7.32 -3.42 14.52
N ASP A 448 -8.08 -2.40 14.11
CA ASP A 448 -8.96 -2.53 12.96
C ASP A 448 -8.16 -2.77 11.69
N HIS A 449 -8.75 -3.52 10.77
CA HIS A 449 -8.08 -3.81 9.50
C HIS A 449 -7.79 -2.54 8.72
N VAL A 450 -8.77 -1.64 8.64
CA VAL A 450 -8.60 -0.42 7.86
C VAL A 450 -7.64 0.51 8.58
N TYR A 451 -6.62 0.99 7.87
CA TYR A 451 -5.65 1.90 8.46
C TYR A 451 -6.31 3.19 8.93
N ALA A 452 -7.23 3.73 8.11
CA ALA A 452 -7.87 4.98 8.46
C ALA A 452 -8.52 4.91 9.83
N ILE A 453 -9.11 3.76 10.16
CA ILE A 453 -9.74 3.60 11.48
C ILE A 453 -8.67 3.61 12.57
N ARG A 454 -7.58 2.86 12.36
CA ARG A 454 -6.48 2.88 13.33
C ARG A 454 -5.92 4.28 13.50
N GLU A 455 -5.73 4.99 12.38
CA GLU A 455 -5.27 6.37 12.46
C GLU A 455 -6.22 7.22 13.30
N ALA A 456 -7.52 7.13 13.01
CA ALA A 456 -8.49 7.91 13.77
C ALA A 456 -8.49 7.52 15.24
N ALA A 457 -8.41 6.22 15.53
CA ALA A 457 -8.39 5.77 16.92
C ALA A 457 -7.14 6.27 17.65
N THR A 458 -6.00 6.36 16.96
CA THR A 458 -4.79 6.85 17.60
C THR A 458 -4.97 8.28 18.10
N SER A 459 -5.55 9.14 17.27
CA SER A 459 -5.82 10.51 17.71
C SER A 459 -6.93 10.54 18.74
N ASN A 460 -7.84 9.56 18.72
CA ASN A 460 -8.89 9.51 19.73
C ASN A 460 -8.31 9.35 21.13
N LEU A 461 -7.21 8.61 21.25
CA LEU A 461 -6.58 8.44 22.56
C LEU A 461 -6.13 9.77 23.14
N LYS A 462 -5.51 10.61 22.31
CA LYS A 462 -5.02 11.89 22.81
C LYS A 462 -6.17 12.75 23.35
N LYS A 463 -7.27 12.82 22.60
CA LYS A 463 -8.40 13.63 23.03
C LYS A 463 -9.03 13.08 24.30
N LEU A 464 -9.10 11.76 24.43
CA LEU A 464 -9.60 11.15 25.67
C LEU A 464 -8.70 11.48 26.84
N VAL A 465 -7.38 11.39 26.65
CA VAL A 465 -6.45 11.67 27.73
C VAL A 465 -6.50 13.14 28.12
N GLU A 466 -6.70 14.03 27.13
CA GLU A 466 -6.81 15.45 27.43
C GLU A 466 -7.95 15.76 28.37
N LYS A 467 -8.98 14.92 28.41
CA LYS A 467 -10.13 15.11 29.28
C LYS A 467 -10.01 14.34 30.59
N PHE A 468 -9.62 13.06 30.53
CA PHE A 468 -9.54 12.22 31.71
C PHE A 468 -8.20 12.32 32.43
N GLY A 469 -7.20 12.95 31.83
CA GLY A 469 -5.96 13.25 32.52
C GLY A 469 -4.91 12.16 32.41
N LYS A 470 -3.72 12.49 32.91
CA LYS A 470 -2.58 11.57 32.83
C LYS A 470 -2.83 10.30 33.63
N GLU A 471 -3.36 10.44 34.85
CA GLU A 471 -3.47 9.30 35.75
C GLU A 471 -4.36 8.22 35.15
N TRP A 472 -5.49 8.62 34.57
CA TRP A 472 -6.37 7.64 33.94
C TRP A 472 -5.67 6.97 32.75
N ALA A 473 -4.94 7.75 31.96
CA ALA A 473 -4.25 7.18 30.80
C ALA A 473 -3.24 6.13 31.23
N HIS A 474 -2.47 6.42 32.28
CA HIS A 474 -1.46 5.47 32.75
C HIS A 474 -2.11 4.18 33.23
N ALA A 475 -3.22 4.28 33.96
CA ALA A 475 -3.84 3.10 34.53
C ALA A 475 -4.65 2.32 33.51
N THR A 476 -5.22 2.98 32.51
CA THR A 476 -6.20 2.37 31.62
C THR A 476 -5.70 2.16 30.20
N ILE A 477 -5.04 3.13 29.59
CA ILE A 477 -4.72 3.12 28.17
C ILE A 477 -3.31 2.60 27.90
N ILE A 478 -2.32 3.16 28.58
CA ILE A 478 -0.92 2.86 28.23
C ILE A 478 -0.63 1.37 28.32
N PRO A 479 -0.97 0.66 29.40
CA PRO A 479 -0.63 -0.78 29.46
C PRO A 479 -1.26 -1.60 28.36
N LYS A 480 -2.38 -1.16 27.78
CA LYS A 480 -3.04 -1.94 26.74
C LYS A 480 -2.42 -1.67 25.37
N VAL A 481 -2.10 -0.41 25.06
CA VAL A 481 -1.50 -0.11 23.76
C VAL A 481 -0.12 -0.74 23.65
N LEU A 482 0.64 -0.74 24.74
CA LEU A 482 1.96 -1.35 24.72
C LEU A 482 1.88 -2.85 24.48
N ALA A 483 0.76 -3.47 24.85
CA ALA A 483 0.60 -4.91 24.60
C ALA A 483 0.68 -5.23 23.12
N MET A 484 0.24 -4.31 22.26
CA MET A 484 0.28 -4.55 20.82
C MET A 484 1.69 -4.69 20.30
N SER A 485 2.70 -4.29 21.08
CA SER A 485 4.08 -4.37 20.61
C SER A 485 4.45 -5.78 20.16
N GLY A 486 3.87 -6.80 20.80
CA GLY A 486 4.15 -8.17 20.46
C GLY A 486 3.30 -8.75 19.34
N ASP A 487 2.45 -7.95 18.71
CA ASP A 487 1.55 -8.46 17.69
C ASP A 487 2.37 -9.03 16.52
N PRO A 488 2.03 -10.23 16.02
CA PRO A 488 2.79 -10.79 14.89
C PRO A 488 2.69 -9.96 13.61
N ASN A 489 1.74 -9.05 13.51
CA ASN A 489 1.54 -8.25 12.30
C ASN A 489 2.26 -6.92 12.45
N TYR A 490 3.13 -6.61 11.47
CA TYR A 490 3.95 -5.41 11.55
C TYR A 490 3.10 -4.13 11.50
N LEU A 491 1.96 -4.18 10.82
CA LEU A 491 1.06 -3.02 10.82
C LEU A 491 0.57 -2.71 12.22
N HIS A 492 0.21 -3.75 12.98
CA HIS A 492 -0.28 -3.54 14.34
C HIS A 492 0.83 -3.11 15.27
N ARG A 493 2.03 -3.67 15.11
CA ARG A 493 3.15 -3.25 15.94
C ARG A 493 3.49 -1.79 15.71
N MET A 494 3.46 -1.35 14.45
CA MET A 494 3.68 0.07 14.16
C MET A 494 2.63 0.94 14.83
N THR A 495 1.40 0.43 14.98
CA THR A 495 0.36 1.21 15.65
C THR A 495 0.78 1.62 17.04
N THR A 496 1.48 0.73 17.75
CA THR A 496 2.00 1.08 19.07
C THR A 496 2.88 2.32 19.01
N LEU A 497 3.80 2.35 18.04
CA LEU A 497 4.66 3.52 17.89
C LEU A 497 3.84 4.77 17.60
N PHE A 498 2.83 4.66 16.74
CA PHE A 498 1.96 5.79 16.45
C PHE A 498 1.25 6.27 17.71
N CYS A 499 0.75 5.32 18.52
CA CYS A 499 0.08 5.69 19.76
C CYS A 499 1.02 6.44 20.69
N ILE A 500 2.25 5.94 20.84
CA ILE A 500 3.23 6.60 21.70
C ILE A 500 3.53 8.00 21.18
N ASN A 501 3.53 8.17 19.86
CA ASN A 501 3.83 9.48 19.28
C ASN A 501 2.85 10.54 19.78
N VAL A 502 1.56 10.21 19.81
CA VAL A 502 0.55 11.17 20.24
C VAL A 502 0.39 11.21 21.75
N LEU A 503 0.52 10.05 22.42
CA LEU A 503 0.37 10.02 23.88
C LEU A 503 1.46 10.83 24.57
N SER A 504 2.68 10.80 24.05
CA SER A 504 3.77 11.54 24.68
C SER A 504 3.49 13.03 24.73
N GLU A 505 2.68 13.54 23.79
CA GLU A 505 2.37 14.97 23.78
C GLU A 505 1.57 15.40 25.00
N VAL A 506 0.89 14.46 25.67
CA VAL A 506 0.03 14.76 26.80
C VAL A 506 0.49 14.08 28.08
N CYS A 507 0.93 12.82 27.99
CA CYS A 507 1.27 12.06 29.18
C CYS A 507 2.43 12.67 29.97
N GLY A 508 3.23 13.52 29.34
CA GLY A 508 4.30 14.22 30.03
C GLY A 508 5.61 13.45 30.04
N GLN A 509 6.60 14.08 30.67
CA GLN A 509 7.95 13.54 30.68
C GLN A 509 8.05 12.27 31.52
N ASP A 510 7.47 12.29 32.72
CA ASP A 510 7.67 11.19 33.66
C ASP A 510 7.10 9.89 33.11
N ILE A 511 5.85 9.92 32.65
CA ILE A 511 5.22 8.70 32.15
C ILE A 511 5.92 8.24 30.87
N THR A 512 6.31 9.17 30.01
CA THR A 512 6.97 8.80 28.76
C THR A 512 8.29 8.08 29.03
N THR A 513 9.08 8.62 29.95
CA THR A 513 10.42 8.06 30.19
C THR A 513 10.34 6.68 30.86
N LYS A 514 9.41 6.50 31.78
CA LYS A 514 9.40 5.30 32.62
C LYS A 514 8.64 4.14 32.00
N HIS A 515 7.63 4.39 31.17
CA HIS A 515 6.75 3.34 30.70
C HIS A 515 6.67 3.24 29.18
N MET A 516 6.68 4.36 28.46
CA MET A 516 6.55 4.33 27.01
C MET A 516 7.89 4.24 26.30
N LEU A 517 8.89 4.97 26.77
CA LEU A 517 10.19 4.95 26.11
C LEU A 517 10.81 3.56 26.06
N PRO A 518 10.80 2.75 27.13
CA PRO A 518 11.44 1.44 27.04
C PRO A 518 10.89 0.57 25.93
N THR A 519 9.57 0.62 25.69
CA THR A 519 8.99 -0.16 24.60
C THR A 519 9.57 0.27 23.26
N VAL A 520 9.70 1.57 23.03
CA VAL A 520 10.22 2.07 21.76
C VAL A 520 11.63 1.53 21.54
N LEU A 521 12.48 1.63 22.56
CA LEU A 521 13.86 1.17 22.42
C LEU A 521 13.92 -0.33 22.16
N ARG A 522 13.07 -1.11 22.84
CA ARG A 522 13.06 -2.55 22.63
C ARG A 522 12.75 -2.89 21.17
N MET A 523 11.78 -2.19 20.59
CA MET A 523 11.34 -2.47 19.22
C MET A 523 12.40 -2.13 18.18
N ALA A 524 13.48 -1.45 18.57
CA ALA A 524 14.52 -1.10 17.61
C ALA A 524 15.08 -2.34 16.90
N GLY A 525 14.98 -3.50 17.54
CA GLY A 525 15.46 -4.75 16.97
C GLY A 525 14.43 -5.54 16.19
N ASP A 526 13.33 -4.92 15.81
CA ASP A 526 12.26 -5.65 15.13
C ASP A 526 12.78 -6.21 13.81
N PRO A 527 12.46 -7.47 13.47
CA PRO A 527 12.97 -8.05 12.21
C PRO A 527 12.50 -7.31 10.96
N VAL A 528 11.42 -6.55 11.03
CA VAL A 528 10.84 -5.86 9.88
C VAL A 528 11.40 -4.43 9.85
N ALA A 529 11.93 -4.04 8.69
CA ALA A 529 12.55 -2.72 8.56
C ALA A 529 11.55 -1.59 8.78
N ASN A 530 10.29 -1.80 8.37
CA ASN A 530 9.29 -0.74 8.53
C ASN A 530 9.13 -0.34 9.98
N VAL A 531 9.09 -1.32 10.89
CA VAL A 531 9.01 -1.01 12.32
C VAL A 531 10.26 -0.24 12.75
N ARG A 532 11.42 -0.63 12.25
CA ARG A 532 12.67 -0.10 12.79
C ARG A 532 12.85 1.38 12.45
N PHE A 533 12.51 1.82 11.23
CA PHE A 533 12.66 3.23 10.93
C PHE A 533 11.48 4.05 11.42
N ASN A 534 10.37 3.41 11.78
CA ASN A 534 9.34 4.11 12.54
C ASN A 534 9.79 4.35 13.98
N VAL A 535 10.57 3.43 14.54
CA VAL A 535 11.19 3.67 15.84
C VAL A 535 12.07 4.91 15.77
N ALA A 536 12.87 5.02 14.70
CA ALA A 536 13.69 6.21 14.52
C ALA A 536 12.84 7.46 14.47
N LYS A 537 11.76 7.44 13.68
CA LYS A 537 10.86 8.58 13.62
C LYS A 537 10.22 8.85 14.97
N SER A 538 9.80 7.80 15.67
CA SER A 538 9.19 7.97 17.00
C SER A 538 10.17 8.66 17.95
N LEU A 539 11.40 8.16 18.04
CA LEU A 539 12.38 8.79 18.91
C LEU A 539 12.61 10.23 18.53
N GLN A 540 12.59 10.54 17.22
CA GLN A 540 12.76 11.92 16.79
C GLN A 540 11.66 12.81 17.34
N LYS A 541 10.43 12.30 17.40
CA LYS A 541 9.31 13.13 17.84
C LYS A 541 9.22 13.24 19.36
N ILE A 542 9.42 12.13 20.07
CA ILE A 542 9.33 12.15 21.52
C ILE A 542 10.64 12.53 22.20
N GLY A 543 11.73 12.63 21.45
CA GLY A 543 13.02 12.97 22.01
C GLY A 543 13.03 14.29 22.75
N PRO A 544 12.46 15.34 22.14
CA PRO A 544 12.44 16.64 22.82
C PRO A 544 11.72 16.61 24.16
N ILE A 545 10.77 15.70 24.35
CA ILE A 545 10.06 15.60 25.61
C ILE A 545 10.91 14.93 26.68
N LEU A 546 11.93 14.18 26.29
CA LEU A 546 12.78 13.49 27.25
C LEU A 546 13.80 14.44 27.87
N ASP A 547 14.33 14.04 29.02
CA ASP A 547 15.41 14.78 29.66
C ASP A 547 16.71 14.54 28.91
N ASN A 548 17.64 15.51 29.03
CA ASN A 548 18.90 15.40 28.32
C ASN A 548 19.68 14.17 28.76
N SER A 549 19.70 13.88 30.07
CA SER A 549 20.42 12.71 30.56
C SER A 549 19.90 11.44 29.91
N THR A 550 18.59 11.35 29.67
CA THR A 550 18.04 10.17 29.01
C THR A 550 18.46 10.09 27.56
N LEU A 551 18.50 11.24 26.87
CA LEU A 551 18.88 11.24 25.45
C LEU A 551 20.31 10.72 25.27
N GLN A 552 21.24 11.19 26.10
CA GLN A 552 22.62 10.76 25.97
C GLN A 552 22.82 9.33 26.44
N SER A 553 22.04 8.90 27.43
CA SER A 553 22.27 7.60 28.05
C SER A 553 21.66 6.46 27.24
N GLU A 554 20.41 6.63 26.79
CA GLU A 554 19.65 5.56 26.17
C GLU A 554 19.35 5.80 24.70
N VAL A 555 18.85 6.99 24.35
CA VAL A 555 18.38 7.22 22.99
C VAL A 555 19.55 7.23 22.01
N LYS A 556 20.63 7.94 22.36
CA LYS A 556 21.74 8.11 21.42
C LYS A 556 22.33 6.78 20.97
N PRO A 557 22.71 5.85 21.85
CA PRO A 557 23.31 4.60 21.37
C PRO A 557 22.38 3.81 20.46
N ILE A 558 21.07 3.82 20.73
CA ILE A 558 20.14 3.07 19.89
C ILE A 558 20.08 3.68 18.49
N LEU A 559 19.96 5.00 18.41
CA LEU A 559 19.93 5.67 17.11
C LEU A 559 21.22 5.40 16.34
N GLU A 560 22.36 5.48 17.02
CA GLU A 560 23.63 5.22 16.35
C GLU A 560 23.69 3.81 15.78
N LYS A 561 23.15 2.83 16.52
CA LYS A 561 23.10 1.47 15.99
C LYS A 561 22.25 1.40 14.73
N LEU A 562 21.11 2.10 14.72
CA LEU A 562 20.23 2.06 13.57
C LEU A 562 20.91 2.62 12.32
N THR A 563 21.81 3.60 12.47
CA THR A 563 22.51 4.14 11.32
C THR A 563 23.33 3.06 10.61
N GLN A 564 23.74 2.02 11.35
CA GLN A 564 24.48 0.91 10.76
C GLN A 564 23.56 -0.12 10.13
N ASP A 565 22.24 0.06 10.20
CA ASP A 565 21.32 -0.92 9.67
C ASP A 565 21.50 -1.09 8.17
N GLN A 566 21.30 -2.33 7.71
CA GLN A 566 21.48 -2.63 6.29
C GLN A 566 20.48 -1.88 5.42
N ASP A 567 19.23 -1.77 5.86
CA ASP A 567 18.18 -1.15 5.06
C ASP A 567 18.44 0.36 4.93
N VAL A 568 18.28 0.87 3.71
CA VAL A 568 18.58 2.28 3.43
C VAL A 568 17.68 3.19 4.27
N ASP A 569 16.38 2.89 4.31
CA ASP A 569 15.44 3.78 4.98
C ASP A 569 15.77 3.92 6.46
N VAL A 570 16.13 2.82 7.12
CA VAL A 570 16.47 2.87 8.54
C VAL A 570 17.66 3.79 8.74
N LYS A 571 18.68 3.65 7.90
CA LYS A 571 19.85 4.52 8.00
C LYS A 571 19.45 5.99 7.86
N TYR A 572 18.66 6.30 6.83
CA TYR A 572 18.32 7.70 6.56
C TYR A 572 17.59 8.33 7.74
N PHE A 573 16.52 7.70 8.20
CA PHE A 573 15.74 8.29 9.30
C PHE A 573 16.53 8.27 10.61
N ALA A 574 17.39 7.27 10.81
CA ALA A 574 18.26 7.27 11.97
C ALA A 574 19.18 8.49 11.94
N GLN A 575 19.77 8.78 10.77
CA GLN A 575 20.61 9.97 10.64
C GLN A 575 19.79 11.23 10.89
N GLU A 576 18.58 11.30 10.33
CA GLU A 576 17.74 12.49 10.53
C GLU A 576 17.39 12.65 12.00
N ALA A 577 17.09 11.55 12.69
CA ALA A 577 16.77 11.63 14.11
C ALA A 577 17.93 12.20 14.91
N LEU A 578 19.16 11.74 14.62
CA LEU A 578 20.32 12.27 15.31
C LEU A 578 20.50 13.75 15.01
N THR A 579 20.33 14.15 13.75
CA THR A 579 20.51 15.56 13.39
C THR A 579 19.47 16.43 14.06
N VAL A 580 18.20 16.02 14.05
CA VAL A 580 17.15 16.82 14.66
C VAL A 580 17.35 16.92 16.15
N LEU A 581 17.68 15.80 16.81
CA LEU A 581 17.92 15.80 18.24
C LEU A 581 19.27 16.40 18.61
N SER A 582 20.12 16.71 17.63
CA SER A 582 21.43 17.30 17.89
C SER A 582 22.28 16.39 18.76
N LEU A 583 22.17 15.08 18.54
CA LEU A 583 22.97 14.10 19.27
C LEU A 583 24.25 13.73 18.54
N ALA A 584 24.29 13.91 17.22
CA ALA A 584 25.47 13.59 16.44
C ALA A 584 25.46 14.34 15.11
N ASP B 4 24.32 17.09 -3.83
CA ASP B 4 24.24 15.95 -2.88
C ASP B 4 22.87 15.28 -2.98
N GLU B 5 22.74 14.09 -2.40
CA GLU B 5 21.47 13.38 -2.43
C GLU B 5 20.43 14.03 -1.52
N LYS B 6 20.88 14.67 -0.43
CA LYS B 6 19.93 15.21 0.54
C LYS B 6 19.01 16.24 -0.08
N VAL B 7 19.57 17.15 -0.89
CA VAL B 7 18.75 18.22 -1.47
C VAL B 7 17.68 17.62 -2.38
N PHE B 8 18.06 16.67 -3.22
CA PHE B 8 17.09 16.03 -4.10
C PHE B 8 16.02 15.29 -3.31
N THR B 9 16.44 14.57 -2.27
CA THR B 9 15.48 13.82 -1.45
C THR B 9 14.37 14.74 -0.94
N LYS B 10 14.75 15.91 -0.41
CA LYS B 10 13.75 16.87 0.03
C LYS B 10 12.89 17.35 -1.14
N GLU B 11 13.52 17.58 -2.30
CA GLU B 11 12.76 17.95 -3.49
C GLU B 11 11.78 16.85 -3.87
N LEU B 12 12.25 15.59 -3.87
CA LEU B 12 11.36 14.48 -4.19
C LEU B 12 10.23 14.38 -3.19
N ASP B 13 10.51 14.62 -1.91
CA ASP B 13 9.45 14.63 -0.91
C ASP B 13 8.39 15.67 -1.24
N GLN B 14 8.81 16.86 -1.65
CA GLN B 14 7.86 17.90 -2.03
C GLN B 14 6.98 17.43 -3.18
N TRP B 15 7.58 16.78 -4.17
CA TRP B 15 6.82 16.26 -5.29
C TRP B 15 5.72 15.30 -4.82
N ILE B 16 6.08 14.39 -3.91
CA ILE B 16 5.12 13.41 -3.43
C ILE B 16 3.92 14.10 -2.79
N GLU B 17 4.18 15.07 -1.90
CA GLU B 17 3.10 15.81 -1.28
C GLU B 17 2.26 16.53 -2.32
N GLN B 18 2.92 17.20 -3.28
CA GLN B 18 2.20 17.85 -4.36
C GLN B 18 1.34 16.84 -5.12
N LEU B 19 1.92 15.69 -5.47
CA LEU B 19 1.18 14.68 -6.21
C LEU B 19 0.03 14.10 -5.39
N ASN B 20 0.22 13.93 -4.08
CA ASN B 20 -0.87 13.46 -3.23
C ASN B 20 -2.09 14.35 -3.37
N GLU B 21 -1.87 15.66 -3.50
CA GLU B 21 -2.95 16.62 -3.74
C GLU B 21 -3.49 16.56 -5.16
N CYS B 22 -3.01 15.62 -5.98
CA CYS B 22 -3.47 15.45 -7.36
C CYS B 22 -3.04 16.60 -8.25
N LYS B 23 -1.88 17.20 -7.95
CA LYS B 23 -1.30 18.26 -8.76
C LYS B 23 -0.13 17.69 -9.56
N GLN B 24 -0.19 17.85 -10.88
CA GLN B 24 0.82 17.27 -11.76
C GLN B 24 2.17 17.96 -11.57
N LEU B 25 3.24 17.23 -11.84
CA LEU B 25 4.56 17.82 -11.92
C LEU B 25 4.77 18.47 -13.29
N SER B 26 5.69 19.42 -13.35
CA SER B 26 6.02 20.07 -14.61
C SER B 26 6.75 19.10 -15.53
N GLU B 27 6.78 19.44 -16.82
CA GLU B 27 7.44 18.60 -17.81
C GLU B 27 8.91 18.38 -17.44
N SER B 28 9.60 19.46 -17.07
CA SER B 28 11.00 19.34 -16.67
C SER B 28 11.15 18.39 -15.49
N GLN B 29 10.30 18.56 -14.47
CA GLN B 29 10.36 17.69 -13.30
C GLN B 29 10.12 16.24 -13.68
N VAL B 30 9.13 15.98 -14.54
CA VAL B 30 8.85 14.61 -14.97
C VAL B 30 10.07 14.01 -15.66
N LYS B 31 10.72 14.79 -16.52
CA LYS B 31 11.91 14.29 -17.22
C LYS B 31 12.99 13.88 -16.22
N SER B 32 13.26 14.74 -15.24
CA SER B 32 14.26 14.40 -14.23
C SER B 32 13.86 13.14 -13.47
N LEU B 33 12.59 13.05 -13.06
CA LEU B 33 12.13 11.88 -12.31
C LEU B 33 12.33 10.60 -13.12
N CYS B 34 11.93 10.63 -14.40
CA CYS B 34 12.05 9.43 -15.23
C CYS B 34 13.51 8.99 -15.36
N GLU B 35 14.41 9.94 -15.59
CA GLU B 35 15.82 9.61 -15.74
C GLU B 35 16.32 8.83 -14.53
N LYS B 36 16.08 9.36 -13.32
CA LYS B 36 16.53 8.68 -12.12
C LYS B 36 15.79 7.36 -11.89
N ALA B 37 14.53 7.29 -12.32
CA ALA B 37 13.80 6.03 -12.21
C ALA B 37 14.48 4.92 -13.00
N LYS B 38 14.92 5.23 -14.22
CA LYS B 38 15.56 4.22 -15.05
C LYS B 38 16.83 3.67 -14.38
N GLU B 39 17.63 4.55 -13.78
CA GLU B 39 18.84 4.11 -13.09
C GLU B 39 18.50 3.09 -12.01
N ILE B 40 17.37 3.28 -11.32
CA ILE B 40 16.96 2.34 -10.28
C ILE B 40 16.40 1.06 -10.92
N LEU B 41 15.53 1.22 -11.91
CA LEU B 41 14.85 0.05 -12.48
C LEU B 41 15.82 -0.83 -13.26
N THR B 42 16.79 -0.22 -13.95
CA THR B 42 17.70 -1.01 -14.77
C THR B 42 18.43 -2.08 -13.95
N LYS B 43 18.62 -1.83 -12.65
CA LYS B 43 19.30 -2.78 -11.78
C LYS B 43 18.41 -3.95 -11.34
N GLU B 44 17.11 -3.86 -11.58
CA GLU B 44 16.18 -4.86 -11.07
C GLU B 44 16.02 -6.01 -12.06
N SER B 45 15.83 -7.21 -11.52
CA SER B 45 15.72 -8.42 -12.33
C SER B 45 14.35 -8.52 -12.99
N ASN B 46 14.26 -9.43 -13.97
CA ASN B 46 12.96 -9.77 -14.56
C ASN B 46 12.05 -10.44 -13.54
N VAL B 47 12.63 -11.15 -12.56
CA VAL B 47 11.87 -11.71 -11.46
C VAL B 47 12.35 -11.03 -10.19
N GLN B 48 11.67 -9.95 -9.80
CA GLN B 48 12.12 -9.16 -8.66
C GLN B 48 11.89 -9.93 -7.35
N GLU B 49 12.95 -10.03 -6.56
CA GLU B 49 12.89 -10.73 -5.28
C GLU B 49 12.33 -9.77 -4.24
N VAL B 50 11.12 -10.06 -3.76
CA VAL B 50 10.39 -9.19 -2.85
C VAL B 50 10.28 -9.87 -1.49
N ARG B 51 10.49 -9.08 -0.44
CA ARG B 51 10.46 -9.59 0.92
C ARG B 51 9.11 -9.30 1.57
N CYS B 52 8.68 -10.21 2.43
CA CYS B 52 7.53 -9.96 3.28
C CYS B 52 7.91 -9.06 4.44
N PRO B 53 6.93 -8.38 5.06
CA PRO B 53 5.50 -8.33 4.69
C PRO B 53 5.27 -7.34 3.56
N VAL B 54 4.26 -7.57 2.72
CA VAL B 54 3.98 -6.68 1.60
C VAL B 54 2.49 -6.75 1.29
N THR B 55 1.96 -5.64 0.76
CA THR B 55 0.58 -5.55 0.31
C THR B 55 0.57 -5.53 -1.21
N VAL B 56 -0.21 -6.42 -1.81
CA VAL B 56 -0.20 -6.64 -3.26
C VAL B 56 -1.46 -6.02 -3.86
N CYS B 57 -1.29 -5.30 -4.96
CA CYS B 57 -2.36 -4.54 -5.59
C CYS B 57 -2.47 -4.90 -7.07
N GLY B 58 -3.69 -4.85 -7.59
CA GLY B 58 -3.93 -5.06 -9.01
C GLY B 58 -3.96 -3.75 -9.79
N ASP B 59 -4.76 -3.77 -10.86
CA ASP B 59 -4.87 -2.60 -11.72
C ASP B 59 -5.47 -1.42 -10.97
N VAL B 60 -5.04 -0.22 -11.33
CA VAL B 60 -5.63 1.02 -10.83
C VAL B 60 -6.09 1.96 -11.93
N HIS B 61 -5.50 1.89 -13.12
CA HIS B 61 -6.00 2.55 -14.33
C HIS B 61 -6.36 4.01 -14.10
N GLY B 62 -5.38 4.76 -13.59
CA GLY B 62 -5.48 6.20 -13.52
C GLY B 62 -6.60 6.73 -12.62
N GLN B 63 -7.21 5.85 -11.84
CA GLN B 63 -8.22 6.25 -10.85
C GLN B 63 -7.49 6.73 -9.59
N PHE B 64 -6.95 7.95 -9.70
CA PHE B 64 -6.12 8.49 -8.64
C PHE B 64 -6.85 8.54 -7.29
N HIS B 65 -8.10 9.01 -7.29
CA HIS B 65 -8.81 9.16 -6.03
C HIS B 65 -9.12 7.83 -5.37
N ASP B 66 -9.15 6.74 -6.13
CA ASP B 66 -9.27 5.42 -5.53
C ASP B 66 -7.91 4.86 -5.12
N LEU B 67 -6.83 5.33 -5.74
CA LEU B 67 -5.50 5.04 -5.22
C LEU B 67 -5.31 5.68 -3.85
N MET B 68 -5.85 6.90 -3.67
CA MET B 68 -5.85 7.52 -2.35
C MET B 68 -6.66 6.68 -1.36
N GLU B 69 -7.81 6.15 -1.80
CA GLU B 69 -8.57 5.23 -0.97
C GLU B 69 -7.73 4.00 -0.63
N LEU B 70 -6.97 3.49 -1.60
CA LEU B 70 -6.14 2.32 -1.36
C LEU B 70 -5.16 2.57 -0.22
N PHE B 71 -4.51 3.74 -0.21
CA PHE B 71 -3.59 4.07 0.86
C PHE B 71 -4.30 4.26 2.19
N ARG B 72 -5.51 4.83 2.17
CA ARG B 72 -6.27 4.96 3.40
C ARG B 72 -6.60 3.62 4.01
N ILE B 73 -6.90 2.62 3.17
CA ILE B 73 -7.20 1.29 3.66
C ILE B 73 -5.92 0.56 4.08
N GLY B 74 -4.95 0.50 3.17
CA GLY B 74 -3.74 -0.26 3.41
C GLY B 74 -2.62 0.46 4.13
N GLY B 75 -2.73 1.77 4.30
CA GLY B 75 -1.70 2.55 4.95
C GLY B 75 -0.79 3.25 3.94
N LYS B 76 -0.22 4.36 4.36
CA LYS B 76 0.59 5.19 3.47
C LYS B 76 2.00 4.65 3.34
N SER B 77 2.55 4.78 2.14
CA SER B 77 3.98 4.55 1.94
C SER B 77 4.76 5.63 2.67
N PRO B 78 5.95 5.31 3.21
CA PRO B 78 6.67 4.03 3.16
C PRO B 78 6.30 3.08 4.30
N ASP B 79 5.41 3.49 5.21
CA ASP B 79 5.08 2.64 6.34
C ASP B 79 4.61 1.27 5.88
N THR B 80 3.76 1.22 4.86
CA THR B 80 3.29 -0.03 4.29
C THR B 80 4.08 -0.35 3.02
N ASN B 81 4.59 -1.57 2.94
CA ASN B 81 5.24 -2.04 1.73
C ASN B 81 4.18 -2.42 0.70
N TYR B 82 4.41 -2.03 -0.54
CA TYR B 82 3.43 -2.21 -1.61
C TYR B 82 4.07 -2.89 -2.81
N LEU B 83 3.24 -3.67 -3.52
CA LEU B 83 3.65 -4.35 -4.74
C LEU B 83 2.50 -4.21 -5.75
N PHE B 84 2.67 -3.31 -6.70
CA PHE B 84 1.66 -3.06 -7.72
C PHE B 84 1.98 -3.87 -8.97
N MET B 85 0.97 -4.57 -9.49
CA MET B 85 1.14 -5.50 -10.60
C MET B 85 0.83 -4.88 -11.96
N GLY B 86 0.93 -3.56 -12.09
CA GLY B 86 0.83 -2.92 -13.40
C GLY B 86 -0.51 -2.25 -13.67
N ASP B 87 -0.63 -1.78 -14.91
CA ASP B 87 -1.83 -1.10 -15.41
C ASP B 87 -2.13 0.16 -14.59
N TYR B 88 -1.17 1.09 -14.64
CA TYR B 88 -1.30 2.32 -13.86
C TYR B 88 -2.00 3.44 -14.62
N VAL B 89 -2.17 3.32 -15.94
CA VAL B 89 -2.61 4.42 -16.79
C VAL B 89 -3.82 3.97 -17.60
N ASP B 90 -4.34 4.90 -18.43
CA ASP B 90 -5.48 4.66 -19.31
C ASP B 90 -6.77 4.46 -18.52
N ARG B 91 -7.91 4.75 -19.15
CA ARG B 91 -9.23 4.48 -18.58
C ARG B 91 -9.44 5.21 -17.26
N GLY B 92 -8.85 6.40 -17.12
CA GLY B 92 -9.00 7.19 -15.91
C GLY B 92 -8.56 8.62 -16.13
N TYR B 93 -9.25 9.57 -15.48
CA TYR B 93 -8.97 10.98 -15.70
C TYR B 93 -7.61 11.41 -15.19
N TYR B 94 -6.95 10.62 -14.35
CA TYR B 94 -5.75 11.05 -13.64
C TYR B 94 -4.62 10.05 -13.81
N SER B 95 -4.42 9.56 -15.03
CA SER B 95 -3.29 8.67 -15.30
C SER B 95 -1.96 9.38 -15.05
N VAL B 96 -1.87 10.64 -15.43
CA VAL B 96 -0.61 11.37 -15.25
C VAL B 96 -0.24 11.44 -13.78
N GLU B 97 -1.17 11.87 -12.93
CA GLU B 97 -0.89 11.95 -11.50
C GLU B 97 -0.67 10.55 -10.92
N THR B 98 -1.43 9.56 -11.38
CA THR B 98 -1.32 8.21 -10.84
C THR B 98 0.08 7.65 -11.09
N VAL B 99 0.54 7.68 -12.33
CA VAL B 99 1.83 7.08 -12.67
C VAL B 99 2.97 7.87 -12.06
N THR B 100 2.85 9.20 -12.05
CA THR B 100 3.92 10.04 -11.50
C THR B 100 4.12 9.76 -10.02
N LEU B 101 3.02 9.64 -9.27
CA LEU B 101 3.13 9.37 -7.84
C LEU B 101 3.77 8.02 -7.58
N LEU B 102 3.34 6.99 -8.31
CA LEU B 102 3.89 5.65 -8.09
C LEU B 102 5.35 5.57 -8.52
N VAL B 103 5.71 6.24 -9.63
CA VAL B 103 7.11 6.34 -10.01
C VAL B 103 7.88 7.16 -8.98
N ALA B 104 7.27 8.25 -8.50
CA ALA B 104 7.93 9.09 -7.50
C ALA B 104 8.21 8.29 -6.22
N LEU B 105 7.23 7.50 -5.78
CA LEU B 105 7.43 6.69 -4.58
C LEU B 105 8.51 5.64 -4.80
N LYS B 106 8.57 5.06 -5.99
CA LYS B 106 9.59 4.05 -6.28
C LYS B 106 10.99 4.66 -6.20
N VAL B 107 11.17 5.86 -6.75
CA VAL B 107 12.48 6.51 -6.66
C VAL B 107 12.80 6.84 -5.21
N ARG B 108 11.82 7.35 -4.46
CA ARG B 108 12.07 7.75 -3.08
C ARG B 108 12.29 6.54 -2.18
N TYR B 109 11.49 5.48 -2.37
CA TYR B 109 11.44 4.34 -1.46
C TYR B 109 11.60 3.03 -2.22
N ARG B 110 12.67 2.93 -3.01
CA ARG B 110 12.86 1.78 -3.89
C ARG B 110 12.63 0.46 -3.16
N GLU B 111 13.07 0.37 -1.90
CA GLU B 111 12.94 -0.87 -1.15
C GLU B 111 11.54 -1.12 -0.63
N ARG B 112 10.69 -0.09 -0.56
CA ARG B 112 9.39 -0.21 0.06
C ARG B 112 8.26 -0.46 -0.93
N ILE B 113 8.45 -0.13 -2.21
CA ILE B 113 7.40 -0.24 -3.22
C ILE B 113 7.99 -0.90 -4.46
N THR B 114 7.24 -1.84 -5.03
CA THR B 114 7.60 -2.48 -6.29
C THR B 114 6.47 -2.26 -7.29
N ILE B 115 6.82 -1.83 -8.50
CA ILE B 115 5.87 -1.61 -9.58
C ILE B 115 6.27 -2.52 -10.74
N LEU B 116 5.37 -3.43 -11.10
CA LEU B 116 5.60 -4.33 -12.23
C LEU B 116 5.05 -3.72 -13.52
N ARG B 117 5.43 -4.31 -14.64
CA ARG B 117 4.89 -3.88 -15.92
C ARG B 117 3.57 -4.59 -16.21
N GLY B 118 2.56 -3.83 -16.61
CA GLY B 118 1.33 -4.37 -17.12
C GLY B 118 1.24 -4.14 -18.62
N ASN B 119 0.22 -4.78 -19.22
CA ASN B 119 0.04 -4.71 -20.66
C ASN B 119 -0.25 -3.30 -21.14
N HIS B 120 -0.81 -2.45 -20.28
CA HIS B 120 -1.08 -1.07 -20.66
C HIS B 120 0.16 -0.18 -20.57
N GLU B 121 1.26 -0.66 -20.00
CA GLU B 121 2.51 0.08 -19.96
C GLU B 121 3.24 -0.06 -21.29
N SER B 122 2.55 0.35 -22.36
CA SER B 122 2.98 0.09 -23.72
C SER B 122 2.69 1.32 -24.59
N ARG B 123 3.58 1.57 -25.55
CA ARG B 123 3.39 2.69 -26.45
C ARG B 123 2.14 2.53 -27.30
N GLN B 124 1.90 1.32 -27.81
CA GLN B 124 0.73 1.08 -28.65
C GLN B 124 -0.57 1.25 -27.85
N ILE B 125 -0.65 0.57 -26.70
CA ILE B 125 -1.90 0.56 -25.94
C ILE B 125 -2.22 1.95 -25.41
N THR B 126 -1.22 2.66 -24.90
CA THR B 126 -1.46 3.98 -24.32
C THR B 126 -1.97 4.99 -25.34
N GLN B 127 -1.67 4.78 -26.62
CA GLN B 127 -2.14 5.68 -27.67
C GLN B 127 -3.60 5.44 -28.04
N VAL B 128 -4.18 4.32 -27.62
CA VAL B 128 -5.56 3.97 -27.92
C VAL B 128 -6.48 4.27 -26.76
N TYR B 129 -6.05 3.95 -25.54
CA TYR B 129 -6.95 3.91 -24.39
C TYR B 129 -6.84 5.15 -23.49
N GLY B 130 -6.11 6.18 -23.91
CA GLY B 130 -6.27 7.52 -23.35
C GLY B 130 -5.02 8.14 -22.76
N PHE B 131 -4.01 7.36 -22.37
CA PHE B 131 -2.88 7.96 -21.68
C PHE B 131 -2.14 8.96 -22.57
N TYR B 132 -2.00 8.67 -23.86
CA TYR B 132 -1.37 9.62 -24.77
C TYR B 132 -2.17 10.91 -24.84
N ASP B 133 -3.50 10.78 -24.99
CA ASP B 133 -4.34 11.97 -25.07
C ASP B 133 -4.24 12.80 -23.80
N GLU B 134 -4.28 12.14 -22.64
CA GLU B 134 -4.22 12.85 -21.38
C GLU B 134 -2.92 13.64 -21.24
N CYS B 135 -1.79 13.03 -21.60
CA CYS B 135 -0.51 13.73 -21.52
C CYS B 135 -0.50 14.94 -22.44
N LEU B 136 -0.97 14.76 -23.67
CA LEU B 136 -1.04 15.88 -24.61
C LEU B 136 -1.94 16.98 -24.07
N ARG B 137 -3.09 16.59 -23.50
CA ARG B 137 -4.03 17.59 -22.97
C ARG B 137 -3.45 18.31 -21.76
N LYS B 138 -2.76 17.58 -20.88
CA LYS B 138 -2.29 18.17 -19.64
C LYS B 138 -0.96 18.90 -19.77
N TYR B 139 -0.23 18.70 -20.87
CA TYR B 139 1.08 19.33 -21.05
C TYR B 139 1.22 20.08 -22.37
N GLY B 140 0.39 19.80 -23.36
CA GLY B 140 0.48 20.47 -24.64
C GLY B 140 1.45 19.86 -25.63
N ASN B 141 2.18 18.83 -25.24
CA ASN B 141 3.08 18.13 -26.15
C ASN B 141 3.29 16.71 -25.63
N ALA B 142 3.79 15.86 -26.51
CA ALA B 142 3.90 14.43 -26.24
C ALA B 142 5.17 14.04 -25.50
N ASN B 143 6.01 15.01 -25.10
CA ASN B 143 7.27 14.67 -24.46
C ASN B 143 7.05 13.82 -23.20
N VAL B 144 6.11 14.23 -22.35
CA VAL B 144 5.87 13.49 -21.11
C VAL B 144 5.47 12.06 -21.42
N TRP B 145 4.61 11.88 -22.42
CA TRP B 145 4.25 10.53 -22.86
C TRP B 145 5.50 9.77 -23.32
N LYS B 146 6.36 10.45 -24.09
CA LYS B 146 7.60 9.82 -24.54
C LYS B 146 8.44 9.35 -23.35
N TYR B 147 8.56 10.20 -22.33
CA TYR B 147 9.38 9.87 -21.17
C TYR B 147 8.85 8.62 -20.46
N PHE B 148 7.56 8.63 -20.10
CA PHE B 148 7.01 7.54 -19.32
C PHE B 148 7.04 6.23 -20.10
N THR B 149 6.65 6.25 -21.38
CA THR B 149 6.65 5.03 -22.17
C THR B 149 8.05 4.45 -22.28
N ASP B 150 9.06 5.31 -22.40
CA ASP B 150 10.44 4.83 -22.33
C ASP B 150 10.72 4.21 -20.97
N LEU B 151 10.23 4.83 -19.90
CA LEU B 151 10.44 4.28 -18.56
C LEU B 151 9.77 2.92 -18.41
N PHE B 152 8.60 2.73 -19.02
CA PHE B 152 7.87 1.48 -18.88
C PHE B 152 8.71 0.28 -19.31
N ASP B 153 9.64 0.49 -20.24
CA ASP B 153 10.46 -0.62 -20.74
C ASP B 153 11.32 -1.25 -19.64
N TYR B 154 11.65 -0.49 -18.60
CA TYR B 154 12.52 -0.97 -17.54
C TYR B 154 11.78 -1.66 -16.40
N LEU B 155 10.45 -1.55 -16.36
CA LEU B 155 9.70 -2.13 -15.27
C LEU B 155 9.83 -3.65 -15.26
N PRO B 156 10.10 -4.28 -14.12
CA PRO B 156 10.17 -5.75 -14.07
C PRO B 156 8.88 -6.40 -14.52
N LEU B 157 9.01 -7.55 -15.16
CA LEU B 157 7.84 -8.30 -15.61
C LEU B 157 7.15 -9.03 -14.46
N THR B 158 7.91 -9.54 -13.49
CA THR B 158 7.34 -10.38 -12.45
C THR B 158 8.09 -10.15 -11.14
N ALA B 159 7.47 -10.59 -10.05
CA ALA B 159 8.07 -10.54 -8.73
C ALA B 159 7.81 -11.86 -8.00
N LEU B 160 8.73 -12.22 -7.12
CA LEU B 160 8.63 -13.43 -6.32
C LEU B 160 8.76 -13.04 -4.85
N VAL B 161 7.74 -13.36 -4.06
CA VAL B 161 7.65 -12.92 -2.67
C VAL B 161 8.08 -14.06 -1.78
N ASP B 162 9.16 -13.84 -1.01
CA ASP B 162 9.71 -14.85 -0.10
C ASP B 162 9.86 -16.21 -0.80
N GLY B 163 10.10 -16.17 -2.11
CA GLY B 163 10.34 -17.37 -2.87
C GLY B 163 9.18 -18.33 -2.97
N GLN B 164 7.97 -17.90 -2.61
CA GLN B 164 6.84 -18.83 -2.54
C GLN B 164 5.62 -18.33 -3.30
N ILE B 165 5.41 -17.02 -3.36
CA ILE B 165 4.28 -16.43 -4.06
C ILE B 165 4.83 -15.67 -5.26
N PHE B 166 4.34 -16.04 -6.45
CA PHE B 166 4.83 -15.49 -7.70
C PHE B 166 3.81 -14.50 -8.24
N CYS B 167 4.24 -13.25 -8.41
CA CYS B 167 3.35 -12.15 -8.79
C CYS B 167 3.68 -11.67 -10.21
N LEU B 168 2.64 -11.56 -11.03
CA LEU B 168 2.78 -11.01 -12.38
C LEU B 168 1.41 -10.52 -12.83
N HIS B 169 1.41 -9.71 -13.88
CA HIS B 169 0.18 -9.09 -14.35
C HIS B 169 -0.71 -10.10 -15.07
N GLY B 170 -0.25 -10.63 -16.20
CA GLY B 170 -1.11 -11.42 -17.06
C GLY B 170 -1.32 -12.86 -16.65
N GLY B 171 -0.28 -13.67 -16.67
CA GLY B 171 -0.42 -15.08 -16.36
C GLY B 171 0.70 -15.89 -16.99
N LEU B 172 0.49 -17.20 -17.04
CA LEU B 172 1.50 -18.14 -17.49
C LEU B 172 1.61 -18.15 -19.02
N SER B 173 2.68 -18.78 -19.51
CA SER B 173 3.00 -18.81 -20.92
C SER B 173 3.37 -20.24 -21.35
N PRO B 174 2.99 -20.65 -22.56
CA PRO B 174 3.50 -21.93 -23.09
C PRO B 174 5.01 -21.95 -23.23
N SER B 175 5.64 -20.79 -23.43
CA SER B 175 7.08 -20.70 -23.60
C SER B 175 7.85 -20.65 -22.29
N ILE B 176 7.16 -20.52 -21.15
CA ILE B 176 7.80 -20.41 -19.85
C ILE B 176 7.42 -21.65 -19.04
N ASP B 177 8.43 -22.41 -18.62
CA ASP B 177 8.25 -23.54 -17.72
C ASP B 177 8.89 -23.33 -16.36
N THR B 178 9.96 -22.55 -16.29
CA THR B 178 10.68 -22.28 -15.05
C THR B 178 10.96 -20.80 -14.94
N LEU B 179 11.02 -20.30 -13.70
CA LEU B 179 11.32 -18.89 -13.49
C LEU B 179 12.65 -18.50 -14.10
N ASP B 180 13.58 -19.44 -14.24
CA ASP B 180 14.84 -19.14 -14.90
C ASP B 180 14.62 -18.72 -16.35
N HIS B 181 13.61 -19.30 -17.01
CA HIS B 181 13.27 -18.86 -18.37
C HIS B 181 12.88 -17.39 -18.37
N ILE B 182 12.12 -16.94 -17.36
CA ILE B 182 11.77 -15.53 -17.27
C ILE B 182 13.01 -14.68 -17.05
N ARG B 183 13.92 -15.13 -16.19
CA ARG B 183 15.14 -14.38 -15.92
C ARG B 183 16.00 -14.23 -17.17
N ALA B 184 15.80 -15.06 -18.19
CA ALA B 184 16.59 -15.00 -19.40
C ALA B 184 16.08 -14.00 -20.42
N LEU B 185 14.85 -13.50 -20.26
CA LEU B 185 14.25 -12.63 -21.25
C LEU B 185 14.92 -11.26 -21.24
N ASP B 186 14.86 -10.58 -22.39
CA ASP B 186 15.27 -9.18 -22.53
C ASP B 186 14.01 -8.33 -22.52
N ARG B 187 13.81 -7.57 -21.44
CA ARG B 187 12.58 -6.83 -21.25
C ARG B 187 12.66 -5.37 -21.68
N LEU B 188 13.87 -4.84 -21.93
CA LEU B 188 14.04 -3.43 -22.26
C LEU B 188 13.59 -3.16 -23.70
N GLN B 189 12.29 -3.34 -23.93
CA GLN B 189 11.74 -3.14 -25.25
C GLN B 189 10.24 -2.88 -25.14
N GLU B 190 9.67 -2.34 -26.22
CA GLU B 190 8.23 -2.25 -26.33
C GLU B 190 7.63 -3.66 -26.26
N VAL B 191 6.45 -3.74 -25.66
CA VAL B 191 5.80 -5.02 -25.38
C VAL B 191 5.57 -5.75 -26.71
N PRO B 192 6.14 -6.93 -26.91
CA PRO B 192 5.92 -7.66 -28.17
C PRO B 192 4.49 -8.14 -28.31
N HIS B 193 4.10 -8.41 -29.56
CA HIS B 193 2.79 -8.99 -29.83
C HIS B 193 2.76 -10.50 -29.66
N GLU B 194 3.91 -11.15 -29.52
CA GLU B 194 3.97 -12.60 -29.39
C GLU B 194 5.14 -12.99 -28.49
N GLY B 195 5.11 -14.23 -28.03
CA GLY B 195 6.19 -14.78 -27.26
C GLY B 195 6.03 -14.65 -25.76
N PRO B 196 7.09 -14.98 -25.02
CA PRO B 196 6.95 -15.03 -23.55
C PRO B 196 6.55 -13.71 -22.92
N MET B 197 7.27 -12.63 -23.22
CA MET B 197 6.98 -11.35 -22.59
C MET B 197 5.58 -10.87 -22.90
N CYS B 198 5.04 -11.24 -24.06
CA CYS B 198 3.64 -10.94 -24.35
C CYS B 198 2.69 -11.75 -23.47
N ASP B 199 2.96 -13.05 -23.34
CA ASP B 199 2.08 -13.93 -22.57
C ASP B 199 2.05 -13.52 -21.10
N LEU B 200 3.22 -13.18 -20.53
CA LEU B 200 3.28 -12.85 -19.11
C LEU B 200 2.39 -11.67 -18.77
N LEU B 201 2.08 -10.82 -19.74
CA LEU B 201 1.30 -9.61 -19.50
C LEU B 201 -0.13 -9.71 -19.99
N TRP B 202 -0.45 -10.68 -20.86
CA TRP B 202 -1.77 -10.75 -21.49
C TRP B 202 -2.56 -11.99 -21.15
N SER B 203 -1.94 -13.02 -20.57
CA SER B 203 -2.61 -14.30 -20.40
C SER B 203 -3.68 -14.23 -19.31
N ASP B 204 -4.57 -15.23 -19.32
CA ASP B 204 -5.67 -15.32 -18.39
C ASP B 204 -5.84 -16.75 -17.90
N PRO B 205 -6.20 -16.96 -16.63
CA PRO B 205 -6.63 -18.29 -16.20
C PRO B 205 -7.98 -18.64 -16.81
N ASP B 206 -8.27 -19.95 -16.89
CA ASP B 206 -9.46 -20.40 -17.59
C ASP B 206 -10.01 -21.66 -16.93
N ASP B 207 -11.30 -21.90 -17.14
CA ASP B 207 -11.91 -23.16 -16.77
C ASP B 207 -11.52 -24.28 -17.73
N ARG B 208 -11.34 -23.95 -19.00
CA ARG B 208 -10.97 -24.96 -20.00
C ARG B 208 -9.62 -25.57 -19.65
N GLY B 209 -9.48 -26.87 -19.89
CA GLY B 209 -8.24 -27.55 -19.59
C GLY B 209 -7.14 -27.23 -20.60
N GLY B 210 -5.90 -27.22 -20.10
CA GLY B 210 -4.76 -26.98 -20.95
C GLY B 210 -4.74 -25.56 -21.51
N TRP B 211 -3.84 -25.37 -22.48
CA TRP B 211 -3.72 -24.08 -23.14
C TRP B 211 -4.91 -23.82 -24.07
N GLY B 212 -5.23 -22.56 -24.26
CA GLY B 212 -6.35 -22.18 -25.10
C GLY B 212 -6.11 -20.86 -25.78
N ILE B 213 -6.91 -20.60 -26.82
CA ILE B 213 -6.80 -19.37 -27.59
C ILE B 213 -7.38 -18.22 -26.77
N SER B 214 -6.61 -17.16 -26.60
CA SER B 214 -7.04 -16.01 -25.81
C SER B 214 -8.05 -15.17 -26.57
N PRO B 215 -9.23 -14.90 -26.01
CA PRO B 215 -10.18 -14.00 -26.71
C PRO B 215 -9.66 -12.59 -26.87
N ARG B 216 -8.67 -12.17 -26.07
CA ARG B 216 -8.13 -10.82 -26.19
C ARG B 216 -7.33 -10.61 -27.46
N GLY B 217 -7.03 -11.67 -28.22
CA GLY B 217 -6.13 -11.58 -29.34
C GLY B 217 -4.67 -11.58 -28.97
N ALA B 218 -4.33 -11.73 -27.69
CA ALA B 218 -2.96 -11.82 -27.25
C ALA B 218 -2.89 -12.75 -26.05
N GLY B 219 -1.71 -13.32 -25.82
CA GLY B 219 -1.56 -14.24 -24.73
C GLY B 219 -2.34 -15.53 -24.96
N TYR B 220 -2.43 -16.30 -23.88
CA TYR B 220 -3.15 -17.58 -23.90
C TYR B 220 -3.98 -17.72 -22.63
N THR B 221 -5.02 -18.53 -22.73
CA THR B 221 -5.76 -18.99 -21.57
C THR B 221 -5.22 -20.35 -21.12
N PHE B 222 -5.05 -20.52 -19.82
CA PHE B 222 -4.48 -21.73 -19.26
C PHE B 222 -5.41 -22.30 -18.20
N GLY B 223 -5.56 -23.63 -18.21
CA GLY B 223 -6.42 -24.31 -17.27
C GLY B 223 -5.72 -24.64 -15.97
N GLN B 224 -6.46 -25.35 -15.11
CA GLN B 224 -5.94 -25.70 -13.78
C GLN B 224 -4.68 -26.55 -13.89
N ASP B 225 -4.69 -27.54 -14.79
CA ASP B 225 -3.55 -28.45 -14.91
C ASP B 225 -2.26 -27.67 -15.17
N ILE B 226 -2.35 -26.59 -15.95
CA ILE B 226 -1.17 -25.78 -16.24
C ILE B 226 -0.65 -25.15 -14.95
N SER B 227 -1.55 -24.56 -14.15
CA SER B 227 -1.14 -23.90 -12.93
C SER B 227 -0.52 -24.87 -11.93
N GLU B 228 -1.13 -26.04 -11.77
CA GLU B 228 -0.59 -27.03 -10.84
C GLU B 228 0.82 -27.47 -11.27
N THR B 229 1.00 -27.74 -12.56
CA THR B 229 2.31 -28.11 -13.06
C THR B 229 3.32 -27.00 -12.80
N PHE B 230 2.95 -25.76 -13.10
CA PHE B 230 3.89 -24.64 -12.94
C PHE B 230 4.27 -24.44 -11.48
N ASN B 231 3.29 -24.49 -10.57
CA ASN B 231 3.58 -24.29 -9.16
C ASN B 231 4.53 -25.36 -8.63
N HIS B 232 4.23 -26.63 -8.94
CA HIS B 232 5.08 -27.72 -8.45
C HIS B 232 6.47 -27.63 -9.05
N ALA B 233 6.57 -27.35 -10.35
CA ALA B 233 7.87 -27.29 -11.00
C ALA B 233 8.77 -26.23 -10.35
N ASN B 234 8.18 -25.13 -9.90
CA ASN B 234 8.93 -24.01 -9.34
C ASN B 234 8.84 -23.92 -7.83
N GLY B 235 8.18 -24.88 -7.16
CA GLY B 235 8.07 -24.83 -5.72
C GLY B 235 7.24 -23.67 -5.20
N LEU B 236 6.25 -23.22 -5.96
CA LEU B 236 5.43 -22.07 -5.60
C LEU B 236 4.20 -22.50 -4.83
N THR B 237 3.78 -21.65 -3.89
CA THR B 237 2.51 -21.88 -3.20
C THR B 237 1.34 -21.27 -3.95
N LEU B 238 1.56 -20.13 -4.60
CA LEU B 238 0.47 -19.36 -5.18
C LEU B 238 0.99 -18.49 -6.31
N VAL B 239 0.13 -18.29 -7.30
CA VAL B 239 0.36 -17.30 -8.35
C VAL B 239 -0.58 -16.14 -8.08
N SER B 240 -0.02 -14.98 -7.78
CA SER B 240 -0.79 -13.77 -7.54
C SER B 240 -0.90 -13.00 -8.85
N ARG B 241 -2.11 -12.59 -9.20
CA ARG B 241 -2.38 -12.21 -10.58
C ARG B 241 -3.33 -11.02 -10.65
N ALA B 242 -3.27 -10.31 -11.77
CA ALA B 242 -4.01 -9.08 -12.04
C ALA B 242 -4.71 -9.19 -13.39
N HIS B 243 -5.06 -8.05 -13.99
CA HIS B 243 -5.34 -7.98 -15.42
C HIS B 243 -6.74 -8.42 -15.81
N GLN B 244 -7.56 -8.85 -14.86
CA GLN B 244 -8.95 -9.22 -15.17
C GLN B 244 -9.89 -8.63 -14.13
N LEU B 245 -10.89 -7.88 -14.60
CA LEU B 245 -11.93 -7.36 -13.72
C LEU B 245 -12.67 -8.48 -13.02
N VAL B 246 -12.82 -8.35 -11.70
CA VAL B 246 -13.60 -9.28 -10.88
C VAL B 246 -14.47 -8.44 -9.96
N MET B 247 -15.75 -8.82 -9.86
CA MET B 247 -16.72 -7.97 -9.17
C MET B 247 -16.43 -7.86 -7.67
N GLU B 248 -16.00 -8.95 -7.04
CA GLU B 248 -15.77 -8.97 -5.61
C GLU B 248 -14.40 -8.43 -5.21
N GLY B 249 -13.59 -8.01 -6.17
CA GLY B 249 -12.27 -7.50 -5.90
C GLY B 249 -11.16 -8.53 -5.98
N TYR B 250 -11.41 -9.75 -5.50
CA TYR B 250 -10.47 -10.84 -5.62
C TYR B 250 -11.24 -12.13 -5.89
N ASN B 251 -10.58 -13.07 -6.55
CA ASN B 251 -11.25 -14.28 -7.00
C ASN B 251 -10.24 -15.43 -7.01
N TRP B 252 -10.45 -16.41 -6.14
CA TRP B 252 -9.70 -17.64 -6.20
C TRP B 252 -10.13 -18.48 -7.40
N CYS B 253 -9.18 -19.17 -8.01
CA CYS B 253 -9.47 -20.06 -9.13
C CYS B 253 -8.42 -21.14 -9.20
N HIS B 254 -8.75 -22.21 -9.92
CA HIS B 254 -7.84 -23.35 -10.12
C HIS B 254 -7.44 -23.97 -8.78
N ASP B 255 -8.42 -24.17 -7.90
CA ASP B 255 -8.18 -24.79 -6.59
C ASP B 255 -7.19 -23.97 -5.77
N ARG B 256 -7.34 -22.65 -5.81
CA ARG B 256 -6.51 -21.73 -5.05
C ARG B 256 -5.04 -21.78 -5.46
N ASN B 257 -4.74 -22.35 -6.63
CA ASN B 257 -3.41 -22.19 -7.18
C ASN B 257 -3.20 -20.79 -7.73
N VAL B 258 -4.27 -20.12 -8.14
CA VAL B 258 -4.21 -18.77 -8.68
C VAL B 258 -5.25 -17.91 -7.99
N VAL B 259 -4.88 -16.65 -7.72
CA VAL B 259 -5.80 -15.64 -7.22
C VAL B 259 -5.65 -14.39 -8.07
N THR B 260 -6.77 -13.82 -8.49
CA THR B 260 -6.78 -12.56 -9.21
C THR B 260 -7.14 -11.43 -8.25
N ILE B 261 -6.38 -10.33 -8.32
CA ILE B 261 -6.62 -9.16 -7.51
C ILE B 261 -6.86 -7.98 -8.43
N PHE B 262 -7.95 -7.26 -8.22
CA PHE B 262 -8.29 -6.07 -8.98
C PHE B 262 -8.50 -4.93 -7.98
N SER B 263 -7.79 -3.83 -8.19
CA SER B 263 -7.71 -2.76 -7.20
C SER B 263 -8.34 -1.46 -7.67
N ALA B 264 -9.06 -1.46 -8.79
CA ALA B 264 -9.77 -0.27 -9.23
C ALA B 264 -11.24 -0.42 -8.93
N PRO B 265 -11.78 0.22 -7.89
CA PRO B 265 -13.20 0.08 -7.58
C PRO B 265 -14.06 0.89 -8.53
N ASN B 266 -15.23 0.32 -8.84
CA ASN B 266 -16.13 0.89 -9.84
C ASN B 266 -15.35 1.20 -11.12
N TYR B 267 -14.84 0.13 -11.71
CA TYR B 267 -13.93 0.24 -12.85
C TYR B 267 -14.55 1.06 -13.97
N CYS B 268 -13.75 1.97 -14.52
CA CYS B 268 -14.19 2.91 -15.56
C CYS B 268 -15.36 3.77 -15.10
N TYR B 269 -15.56 3.87 -13.78
CA TYR B 269 -16.64 4.64 -13.18
C TYR B 269 -18.01 4.09 -13.55
N ARG B 270 -18.08 2.88 -14.11
CA ARG B 270 -19.36 2.30 -14.52
C ARG B 270 -19.57 0.85 -14.11
N CYS B 271 -18.50 0.10 -13.83
CA CYS B 271 -18.66 -1.33 -13.54
C CYS B 271 -19.30 -1.57 -12.18
N GLY B 272 -19.08 -0.68 -11.21
CA GLY B 272 -19.64 -0.87 -9.89
C GLY B 272 -19.04 -2.03 -9.11
N ASN B 273 -17.85 -2.49 -9.50
CA ASN B 273 -17.21 -3.59 -8.82
C ASN B 273 -16.53 -3.13 -7.53
N GLN B 274 -16.23 -4.10 -6.66
CA GLN B 274 -15.41 -3.84 -5.49
C GLN B 274 -13.93 -4.04 -5.82
N ALA B 275 -13.09 -3.31 -5.11
CA ALA B 275 -11.64 -3.44 -5.24
C ALA B 275 -11.08 -4.18 -4.02
N ALA B 276 -9.94 -4.83 -4.22
CA ALA B 276 -9.31 -5.58 -3.15
C ALA B 276 -7.79 -5.41 -3.22
N ILE B 277 -7.14 -5.62 -2.08
CA ILE B 277 -5.69 -5.68 -1.99
C ILE B 277 -5.33 -6.82 -1.04
N MET B 278 -4.28 -7.56 -1.37
CA MET B 278 -3.87 -8.73 -0.60
C MET B 278 -2.68 -8.37 0.26
N GLU B 279 -2.85 -8.50 1.57
CA GLU B 279 -1.79 -8.22 2.54
C GLU B 279 -1.12 -9.53 2.94
N LEU B 280 0.18 -9.62 2.71
CA LEU B 280 0.96 -10.79 3.07
C LEU B 280 1.63 -10.54 4.41
N ASP B 281 1.28 -11.37 5.40
CA ASP B 281 1.75 -11.15 6.76
C ASP B 281 3.26 -11.32 6.84
N ASP B 282 3.82 -10.94 8.00
CA ASP B 282 5.20 -11.27 8.30
C ASP B 282 5.45 -12.76 8.17
N THR B 283 4.44 -13.58 8.43
CA THR B 283 4.50 -15.02 8.26
C THR B 283 4.08 -15.46 6.87
N LEU B 284 3.91 -14.52 5.94
CA LEU B 284 3.51 -14.82 4.57
C LEU B 284 2.06 -15.28 4.48
N LYS B 285 1.36 -15.33 5.61
CA LYS B 285 -0.07 -15.63 5.59
C LYS B 285 -0.83 -14.50 4.90
N TYR B 286 -1.69 -14.87 3.96
CA TYR B 286 -2.37 -13.89 3.11
C TYR B 286 -3.69 -13.45 3.71
N SER B 287 -4.03 -12.19 3.47
CA SER B 287 -5.29 -11.61 3.89
C SER B 287 -5.75 -10.62 2.82
N PHE B 288 -7.07 -10.46 2.71
CA PHE B 288 -7.68 -9.66 1.66
C PHE B 288 -8.55 -8.57 2.27
N LEU B 289 -8.39 -7.35 1.77
CA LEU B 289 -9.20 -6.20 2.19
C LEU B 289 -10.00 -5.70 1.00
N GLN B 290 -11.32 -5.70 1.13
CA GLN B 290 -12.21 -5.18 0.10
C GLN B 290 -12.65 -3.76 0.46
N PHE B 291 -12.68 -2.88 -0.54
CA PHE B 291 -13.08 -1.50 -0.33
C PHE B 291 -13.84 -0.98 -1.54
N ASP B 292 -14.69 0.02 -1.29
CA ASP B 292 -15.56 0.65 -2.28
C ASP B 292 -14.98 1.97 -2.76
N PRO B 293 -15.49 2.54 -3.84
CA PRO B 293 -14.95 3.80 -4.35
C PRO B 293 -15.02 4.91 -3.32
N ALA B 294 -14.00 5.76 -3.31
CA ALA B 294 -13.97 6.90 -2.41
C ALA B 294 -15.11 7.86 -2.74
N PRO B 295 -15.82 8.41 -1.76
CA PRO B 295 -16.83 9.42 -2.05
C PRO B 295 -16.25 10.61 -2.80
N ARG B 296 -16.71 10.83 -4.03
CA ARG B 296 -16.17 11.92 -4.84
C ARG B 296 -16.70 13.25 -4.35
N ARG B 297 -15.80 14.17 -4.03
CA ARG B 297 -16.19 15.48 -3.54
C ARG B 297 -16.90 16.27 -4.64
N GLY B 298 -18.04 16.86 -4.29
CA GLY B 298 -18.80 17.65 -5.25
C GLY B 298 -19.28 16.86 -6.43
N GLU B 299 -19.69 15.61 -6.20
CA GLU B 299 -20.20 14.73 -7.26
C GLU B 299 -21.19 13.76 -6.65
N PRO B 300 -22.50 14.05 -6.75
CA PRO B 300 -23.49 13.13 -6.18
C PRO B 300 -23.64 11.84 -6.99
N GLY C 68 -27.59 -4.60 -20.21
CA GLY C 68 -27.05 -4.41 -21.59
C GLY C 68 -25.86 -5.30 -21.89
N MET C 69 -24.88 -4.75 -22.61
CA MET C 69 -23.70 -5.52 -22.97
C MET C 69 -22.91 -5.90 -21.72
N ASP C 70 -22.39 -7.12 -21.72
CA ASP C 70 -21.56 -7.58 -20.61
C ASP C 70 -20.32 -6.70 -20.48
N LEU C 71 -19.93 -6.42 -19.23
CA LEU C 71 -18.83 -5.49 -18.98
C LEU C 71 -17.52 -6.01 -19.56
N ILE C 72 -17.16 -7.25 -19.25
CA ILE C 72 -15.85 -7.76 -19.64
C ILE C 72 -15.79 -7.96 -21.15
N ASN C 73 -16.84 -8.53 -21.75
CA ASN C 73 -16.84 -8.77 -23.18
C ASN C 73 -16.62 -7.47 -23.96
N ARG C 74 -17.17 -6.36 -23.46
CA ARG C 74 -17.01 -5.09 -24.17
C ARG C 74 -15.54 -4.74 -24.34
N GLU C 75 -14.74 -4.90 -23.28
CA GLU C 75 -13.33 -4.56 -23.36
C GLU C 75 -12.53 -5.61 -24.11
N THR C 76 -12.89 -6.89 -23.96
CA THR C 76 -12.15 -7.96 -24.63
C THR C 76 -12.23 -7.81 -26.15
N VAL C 77 -13.43 -7.52 -26.66
CA VAL C 77 -13.60 -7.42 -28.11
C VAL C 77 -12.70 -6.34 -28.69
N HIS C 78 -12.72 -5.14 -28.09
CA HIS C 78 -11.92 -4.05 -28.63
C HIS C 78 -10.44 -4.32 -28.47
N GLU C 79 -10.03 -4.98 -27.38
CA GLU C 79 -8.65 -5.39 -27.23
C GLU C 79 -8.23 -6.29 -28.38
N ARG C 80 -9.08 -7.24 -28.76
CA ARG C 80 -8.77 -8.08 -29.91
C ARG C 80 -8.66 -7.26 -31.18
N GLU C 81 -9.57 -6.30 -31.36
CA GLU C 81 -9.52 -5.44 -32.55
C GLU C 81 -8.19 -4.72 -32.64
N VAL C 82 -7.73 -4.13 -31.54
CA VAL C 82 -6.42 -3.47 -31.54
C VAL C 82 -5.33 -4.46 -31.87
N GLN C 83 -5.36 -5.64 -31.22
CA GLN C 83 -4.35 -6.65 -31.49
C GLN C 83 -4.45 -7.18 -32.93
N THR C 84 -5.67 -7.28 -33.47
CA THR C 84 -5.82 -7.68 -34.85
C THR C 84 -5.23 -6.64 -35.80
N ALA C 85 -5.49 -5.36 -35.53
CA ALA C 85 -4.88 -4.30 -36.33
C ALA C 85 -3.36 -4.36 -36.22
N MET C 86 -2.85 -4.64 -35.02
CA MET C 86 -1.42 -4.74 -34.80
C MET C 86 -0.70 -3.47 -35.24
FE FE D . -4.04 -5.68 -17.96
ZN ZN E . -6.18 -3.71 -16.75
#